data_1YGG
#
_entry.id   1YGG
#
_cell.length_a   102.09
_cell.length_b   102.09
_cell.length_c   72.12
_cell.angle_alpha   90
_cell.angle_beta   90
_cell.angle_gamma   90
#
_symmetry.space_group_name_H-M   'P 43'
#
loop_
_entity.id
_entity.type
_entity.pdbx_description
1 polymer 'phosphoenolpyruvate carboxykinase'
2 non-polymer 'SULFATE ION'
3 non-polymer 'SODIUM ION'
4 water water
#
_entity_poly.entity_id   1
_entity_poly.type   'polypeptide(L)'
_entity_poly.pdbx_seq_one_letter_code
;MGHHHHHHDYDIPTTENLYFQGMTDLNKLVKELNDLGLTDVKEIVYNPSYEQLFEEETKPGLEGFDKGTLTTLGAVAVDT
GIFTGRSPKDKYIVCDETTKDTVWWNSEAAKNDNKPMTQETWKSLRELVAKQLSGKRLFVVEGYCGASEKHRIGVRMVTE
VAWQAHFVKNMFIRPTDEELKNFKADFTVLNGAKCTNPNWKEQGLNSENFVAFNITEGIQLIGGTWYGGEMKKGMFSMMN
YFLPLKGVASMHCSANVGKDGDVAIFFGLSGTGKTTLSTDPKRQLIGDDEHGWDESGVFNFEGGCYAKTINLSQENEPDI
YGAIRRDALLENVVVRADGSVDFDDGSKTENTRVSYPIYHIDNIVRPVSKAGHATKVIFLTADAFGVLPPVSKLTPEQTE
YYFLSGFTAKLAGTERGVTEPTPTFSACFGAAFLSLHPIQYADVLVERMKASGAEAYLVNTGWNGTGKRISIKDTRGIID
AILDGSIEKAEMGELPIFNLAIPKALPGVDPAILDPRDTYADKAQWQVKAEDLANRFVKNFVKYTANPEAAKLVGAGPKA
;
_entity_poly.pdbx_strand_id   A
#
loop_
_chem_comp.id
_chem_comp.type
_chem_comp.name
_chem_comp.formula
NA non-polymer 'SODIUM ION' 'Na 1'
SO4 non-polymer 'SULFATE ION' 'O4 S -2'
#
# COMPACT_ATOMS: atom_id res chain seq x y z
N ASP A 25 3.39 21.95 -23.26
CA ASP A 25 2.61 22.34 -24.47
C ASP A 25 1.14 21.91 -24.29
N LEU A 26 0.30 22.90 -24.03
CA LEU A 26 -1.12 22.68 -23.84
C LEU A 26 -1.75 22.22 -25.16
N ASN A 27 -1.13 22.63 -26.27
CA ASN A 27 -1.60 22.24 -27.62
C ASN A 27 -1.47 20.72 -27.77
N LYS A 28 -0.29 20.21 -27.44
CA LYS A 28 -0.02 18.77 -27.52
C LYS A 28 -0.91 17.97 -26.58
N LEU A 29 -1.09 18.48 -25.36
CA LEU A 29 -1.92 17.81 -24.37
C LEU A 29 -3.34 17.64 -24.86
N VAL A 30 -3.92 18.72 -25.37
CA VAL A 30 -5.31 18.66 -25.85
C VAL A 30 -5.48 17.66 -26.98
N LYS A 31 -4.48 17.55 -27.85
CA LYS A 31 -4.56 16.59 -28.95
C LYS A 31 -4.56 15.18 -28.38
N GLU A 32 -3.72 14.94 -27.38
CA GLU A 32 -3.66 13.62 -26.76
C GLU A 32 -4.96 13.29 -26.05
N LEU A 33 -5.63 14.30 -25.50
CA LEU A 33 -6.89 14.06 -24.82
C LEU A 33 -7.97 13.74 -25.87
N ASN A 34 -7.93 14.43 -27.00
CA ASN A 34 -8.85 14.18 -28.11
C ASN A 34 -8.63 12.72 -28.55
N ASP A 35 -7.37 12.31 -28.60
CA ASP A 35 -7.02 10.92 -29.00
C ASP A 35 -7.68 9.90 -28.10
N LEU A 36 -7.81 10.25 -26.81
CA LEU A 36 -8.44 9.33 -25.89
C LEU A 36 -9.95 9.34 -26.10
N GLY A 37 -10.43 10.32 -26.85
CA GLY A 37 -11.86 10.38 -27.12
C GLY A 37 -12.58 11.56 -26.48
N LEU A 38 -11.82 12.42 -25.79
CA LEU A 38 -12.40 13.60 -25.15
C LEU A 38 -12.58 14.69 -26.21
N THR A 39 -13.80 15.22 -26.31
CA THR A 39 -14.07 16.24 -27.31
C THR A 39 -14.53 17.56 -26.69
N ASP A 40 -14.48 18.61 -27.50
CA ASP A 40 -14.90 19.96 -27.08
C ASP A 40 -14.26 20.35 -25.75
N VAL A 41 -12.95 20.15 -25.65
CA VAL A 41 -12.24 20.48 -24.42
C VAL A 41 -12.13 21.98 -24.20
N LYS A 42 -12.61 22.45 -23.06
CA LYS A 42 -12.55 23.87 -22.73
C LYS A 42 -11.21 24.19 -22.07
N GLU A 43 -11.24 24.96 -20.98
CA GLU A 43 -10.00 25.30 -20.30
C GLU A 43 -9.40 24.11 -19.57
N ILE A 44 -8.08 23.99 -19.69
CA ILE A 44 -7.34 22.92 -19.03
C ILE A 44 -6.41 23.54 -18.02
N VAL A 45 -6.55 23.12 -16.77
CA VAL A 45 -5.69 23.58 -15.68
C VAL A 45 -4.65 22.48 -15.57
N TYR A 46 -3.49 22.70 -16.20
CA TYR A 46 -2.41 21.70 -16.22
C TYR A 46 -1.38 21.87 -15.11
N ASN A 47 -1.18 20.81 -14.33
CA ASN A 47 -0.22 20.81 -13.22
C ASN A 47 -0.28 22.05 -12.33
N PRO A 48 -1.45 22.31 -11.74
CA PRO A 48 -1.60 23.46 -10.85
C PRO A 48 -0.71 23.40 -9.62
N SER A 49 -0.33 24.59 -9.12
CA SER A 49 0.49 24.71 -7.93
C SER A 49 -0.43 24.46 -6.73
N TYR A 50 0.15 24.29 -5.56
CA TYR A 50 -0.66 24.05 -4.38
C TYR A 50 -1.56 25.27 -4.11
N GLU A 51 -1.08 26.46 -4.44
CA GLU A 51 -1.90 27.65 -4.21
C GLU A 51 -3.11 27.63 -5.13
N GLN A 52 -2.91 27.27 -6.40
CA GLN A 52 -4.02 27.21 -7.33
C GLN A 52 -5.03 26.17 -6.90
N LEU A 53 -4.55 25.03 -6.41
CA LEU A 53 -5.45 23.97 -5.94
C LEU A 53 -6.32 24.45 -4.77
N PHE A 54 -5.71 25.16 -3.84
CA PHE A 54 -6.45 25.68 -2.69
C PHE A 54 -7.55 26.63 -3.19
N GLU A 55 -7.20 27.49 -4.15
CA GLU A 55 -8.15 28.44 -4.71
C GLU A 55 -9.27 27.70 -5.43
N GLU A 56 -8.91 26.65 -6.16
CA GLU A 56 -9.91 25.89 -6.89
C GLU A 56 -10.85 25.11 -5.97
N GLU A 57 -10.31 24.60 -4.87
CA GLU A 57 -11.11 23.81 -3.92
C GLU A 57 -12.07 24.64 -3.09
N THR A 58 -11.74 25.90 -2.90
CA THR A 58 -12.56 26.81 -2.12
C THR A 58 -13.28 27.84 -3.00
N LYS A 59 -13.27 27.57 -4.31
CA LYS A 59 -13.89 28.44 -5.30
C LYS A 59 -15.36 28.71 -5.03
N PRO A 60 -15.79 29.97 -5.12
CA PRO A 60 -17.21 30.26 -4.88
C PRO A 60 -18.04 29.52 -5.93
N GLY A 61 -19.13 28.88 -5.50
CA GLY A 61 -19.99 28.20 -6.44
C GLY A 61 -19.82 26.70 -6.65
N LEU A 62 -18.91 26.06 -5.92
CA LEU A 62 -18.71 24.62 -6.04
C LEU A 62 -19.85 23.95 -5.32
N GLU A 63 -20.39 22.90 -5.93
CA GLU A 63 -21.49 22.18 -5.32
C GLU A 63 -21.10 20.72 -5.10
N GLY A 64 -21.93 20.02 -4.35
CA GLY A 64 -21.69 18.61 -4.10
C GLY A 64 -20.34 18.26 -3.52
N PHE A 65 -19.90 17.05 -3.85
CA PHE A 65 -18.64 16.54 -3.34
C PHE A 65 -17.40 17.25 -3.85
N ASP A 66 -17.57 18.19 -4.75
CA ASP A 66 -16.43 18.96 -5.27
C ASP A 66 -16.01 19.95 -4.18
N LYS A 67 -16.97 20.34 -3.35
CA LYS A 67 -16.75 21.34 -2.30
C LYS A 67 -15.74 21.01 -1.21
N GLY A 68 -14.83 21.94 -0.98
CA GLY A 68 -13.84 21.81 0.06
C GLY A 68 -14.12 22.79 1.20
N THR A 69 -13.74 22.42 2.42
CA THR A 69 -13.93 23.27 3.60
C THR A 69 -12.59 23.53 4.27
N LEU A 70 -12.28 24.81 4.51
CA LEU A 70 -11.03 25.14 5.17
C LEU A 70 -11.18 24.91 6.67
N THR A 71 -10.43 23.94 7.20
CA THR A 71 -10.50 23.65 8.62
C THR A 71 -9.57 24.55 9.41
N THR A 72 -9.72 24.54 10.73
CA THR A 72 -8.87 25.37 11.60
C THR A 72 -7.41 24.90 11.60
N LEU A 73 -7.12 23.69 11.10
CA LEU A 73 -5.73 23.23 11.06
C LEU A 73 -5.06 23.86 9.83
N GLY A 74 -5.86 24.44 8.95
CA GLY A 74 -5.30 25.08 7.77
C GLY A 74 -5.39 24.20 6.54
N ALA A 75 -5.81 22.96 6.76
CA ALA A 75 -5.95 22.01 5.66
C ALA A 75 -7.39 21.99 5.14
N VAL A 76 -7.56 21.83 3.84
CA VAL A 76 -8.88 21.73 3.25
C VAL A 76 -9.39 20.29 3.46
N ALA A 77 -10.69 20.14 3.69
CA ALA A 77 -11.31 18.83 3.88
C ALA A 77 -12.40 18.63 2.82
N VAL A 78 -12.51 17.41 2.29
CA VAL A 78 -13.54 17.09 1.31
C VAL A 78 -14.21 15.77 1.71
N ASP A 79 -15.40 15.50 1.16
CA ASP A 79 -16.10 14.24 1.42
C ASP A 79 -16.13 13.49 0.10
N THR A 80 -16.16 12.17 0.16
CA THR A 80 -16.12 11.37 -1.06
C THR A 80 -17.42 10.71 -1.49
N GLY A 81 -18.49 10.95 -0.74
CA GLY A 81 -19.77 10.36 -1.12
C GLY A 81 -20.03 8.98 -0.55
N ILE A 82 -20.76 8.17 -1.31
CA ILE A 82 -21.11 6.81 -0.90
C ILE A 82 -19.90 5.90 -0.77
N PHE A 83 -18.88 6.14 -1.58
CA PHE A 83 -17.67 5.33 -1.53
C PHE A 83 -16.64 5.96 -0.62
N THR A 84 -16.40 5.35 0.54
CA THR A 84 -15.44 5.85 1.49
C THR A 84 -14.30 4.86 1.69
N GLY A 85 -14.14 3.98 0.71
CA GLY A 85 -13.09 2.98 0.73
C GLY A 85 -13.00 2.40 -0.68
N ARG A 86 -12.06 1.50 -0.93
CA ARG A 86 -11.92 0.88 -2.25
C ARG A 86 -13.12 0.00 -2.57
N SER A 87 -13.34 -0.26 -3.85
CA SER A 87 -14.45 -1.13 -4.25
C SER A 87 -13.84 -2.25 -5.10
N PRO A 88 -13.25 -3.25 -4.42
CA PRO A 88 -12.63 -4.37 -5.14
C PRO A 88 -13.59 -5.17 -6.05
N LYS A 89 -14.86 -5.22 -5.69
CA LYS A 89 -15.81 -5.97 -6.50
C LYS A 89 -16.05 -5.31 -7.84
N ASP A 90 -15.64 -4.05 -7.94
CA ASP A 90 -15.83 -3.29 -9.18
C ASP A 90 -14.52 -3.12 -9.96
N LYS A 91 -13.51 -3.89 -9.56
CA LYS A 91 -12.19 -3.82 -10.22
C LYS A 91 -12.06 -4.86 -11.33
N TYR A 92 -11.58 -4.42 -12.50
CA TYR A 92 -11.42 -5.32 -13.63
C TYR A 92 -10.15 -5.02 -14.41
N ILE A 93 -9.61 -6.04 -15.06
CA ILE A 93 -8.43 -5.90 -15.90
C ILE A 93 -8.80 -6.51 -17.26
N VAL A 94 -8.62 -5.74 -18.33
CA VAL A 94 -8.95 -6.21 -19.67
C VAL A 94 -8.13 -7.43 -20.04
N CYS A 95 -8.82 -8.47 -20.50
CA CYS A 95 -8.16 -9.70 -20.92
C CYS A 95 -7.89 -9.55 -22.41
N ASP A 96 -6.62 -9.59 -22.79
CA ASP A 96 -6.23 -9.50 -24.20
C ASP A 96 -4.96 -10.31 -24.42
N GLU A 97 -4.34 -10.15 -25.58
CA GLU A 97 -3.14 -10.89 -25.90
C GLU A 97 -1.98 -10.61 -24.94
N THR A 98 -1.94 -9.41 -24.39
CA THR A 98 -0.88 -9.06 -23.45
C THR A 98 -1.10 -9.70 -22.08
N THR A 99 -2.33 -9.67 -21.60
CA THR A 99 -2.66 -10.17 -20.27
C THR A 99 -3.20 -11.58 -20.08
N LYS A 100 -3.64 -12.22 -21.16
CA LYS A 100 -4.21 -13.56 -21.05
C LYS A 100 -3.34 -14.53 -20.25
N ASP A 101 -2.07 -14.61 -20.59
CA ASP A 101 -1.14 -15.53 -19.90
C ASP A 101 -0.18 -14.88 -18.93
N THR A 102 -0.37 -13.60 -18.60
CA THR A 102 0.56 -12.97 -17.66
C THR A 102 -0.08 -12.53 -16.35
N VAL A 103 -1.36 -12.15 -16.39
CA VAL A 103 -2.07 -11.72 -15.19
C VAL A 103 -2.56 -12.89 -14.35
N TRP A 104 -2.54 -12.72 -13.03
CA TRP A 104 -2.98 -13.76 -12.12
C TRP A 104 -4.49 -13.61 -11.96
N TRP A 105 -5.23 -14.19 -12.90
CA TRP A 105 -6.68 -14.09 -12.92
C TRP A 105 -7.38 -14.80 -11.77
N ASN A 106 -8.44 -14.18 -11.28
CA ASN A 106 -9.25 -14.76 -10.21
C ASN A 106 -9.64 -16.16 -10.71
N SER A 107 -9.66 -17.16 -9.81
CA SER A 107 -10.02 -18.52 -10.23
C SER A 107 -10.60 -19.28 -9.04
N GLU A 108 -11.12 -20.47 -9.31
CA GLU A 108 -11.69 -21.29 -8.23
C GLU A 108 -10.56 -21.64 -7.28
N ALA A 109 -9.38 -21.91 -7.85
CA ALA A 109 -8.19 -22.28 -7.09
C ALA A 109 -7.82 -21.26 -6.03
N ALA A 110 -7.88 -19.98 -6.38
CA ALA A 110 -7.53 -18.90 -5.47
C ALA A 110 -8.25 -17.61 -5.89
N LYS A 111 -9.16 -17.17 -5.04
CA LYS A 111 -9.94 -15.96 -5.31
C LYS A 111 -9.11 -14.67 -5.17
N ASN A 112 -9.30 -13.74 -6.10
CA ASN A 112 -8.64 -12.44 -6.05
C ASN A 112 -9.54 -11.48 -6.83
N ASP A 113 -9.16 -10.20 -6.90
CA ASP A 113 -9.99 -9.22 -7.59
C ASP A 113 -9.65 -8.96 -9.04
N ASN A 114 -8.76 -9.78 -9.60
CA ASN A 114 -8.39 -9.61 -10.99
C ASN A 114 -9.42 -10.31 -11.88
N LYS A 115 -10.54 -9.61 -12.12
CA LYS A 115 -11.63 -10.13 -12.94
C LYS A 115 -11.44 -9.63 -14.37
N PRO A 116 -11.47 -10.54 -15.35
CA PRO A 116 -11.30 -10.17 -16.75
C PRO A 116 -12.45 -9.36 -17.32
N MET A 117 -12.12 -8.49 -18.27
CA MET A 117 -13.10 -7.65 -18.94
C MET A 117 -12.88 -7.81 -20.43
N THR A 118 -13.97 -7.90 -21.19
CA THR A 118 -13.85 -8.06 -22.64
C THR A 118 -13.42 -6.74 -23.27
N GLN A 119 -12.88 -6.81 -24.48
CA GLN A 119 -12.44 -5.59 -25.14
C GLN A 119 -13.64 -4.74 -25.53
N GLU A 120 -14.78 -5.38 -25.76
CA GLU A 120 -15.99 -4.67 -26.14
C GLU A 120 -16.52 -3.83 -24.98
N THR A 121 -16.56 -4.43 -23.79
CA THR A 121 -17.05 -3.71 -22.62
C THR A 121 -16.07 -2.59 -22.28
N TRP A 122 -14.78 -2.85 -22.41
CA TRP A 122 -13.78 -1.82 -22.13
C TRP A 122 -14.02 -0.59 -23.01
N LYS A 123 -14.20 -0.84 -24.30
CA LYS A 123 -14.44 0.24 -25.25
C LYS A 123 -15.66 1.07 -24.83
N SER A 124 -16.74 0.39 -24.44
CA SER A 124 -17.94 1.09 -24.03
C SER A 124 -17.62 1.99 -22.84
N LEU A 125 -16.93 1.43 -21.84
CA LEU A 125 -16.59 2.19 -20.65
C LEU A 125 -15.66 3.36 -20.98
N ARG A 126 -14.72 3.15 -21.88
CA ARG A 126 -13.81 4.22 -22.23
C ARG A 126 -14.60 5.37 -22.87
N GLU A 127 -15.53 5.03 -23.74
CA GLU A 127 -16.34 6.06 -24.40
C GLU A 127 -17.20 6.79 -23.37
N LEU A 128 -17.75 6.02 -22.42
CA LEU A 128 -18.60 6.59 -21.37
C LEU A 128 -17.81 7.66 -20.61
N VAL A 129 -16.60 7.29 -20.18
CA VAL A 129 -15.76 8.21 -19.43
C VAL A 129 -15.30 9.39 -20.30
N ALA A 130 -14.95 9.12 -21.55
CA ALA A 130 -14.51 10.16 -22.47
C ALA A 130 -15.61 11.20 -22.66
N LYS A 131 -16.85 10.73 -22.72
CA LYS A 131 -18.02 11.58 -22.90
C LYS A 131 -18.23 12.44 -21.66
N GLN A 132 -18.08 11.83 -20.48
CA GLN A 132 -18.24 12.53 -19.20
C GLN A 132 -17.22 13.67 -19.02
N LEU A 133 -16.05 13.55 -19.64
CA LEU A 133 -15.01 14.57 -19.50
C LEU A 133 -14.91 15.47 -20.73
N SER A 134 -15.91 15.38 -21.61
CA SER A 134 -15.95 16.19 -22.82
C SER A 134 -16.73 17.48 -22.58
N GLY A 135 -16.36 18.53 -23.32
CA GLY A 135 -17.04 19.81 -23.22
C GLY A 135 -16.91 20.45 -21.85
N LYS A 136 -15.86 20.09 -21.12
CA LYS A 136 -15.68 20.65 -19.78
C LYS A 136 -14.29 21.23 -19.54
N ARG A 137 -14.18 21.91 -18.40
CA ARG A 137 -12.94 22.51 -17.94
C ARG A 137 -12.34 21.32 -17.18
N LEU A 138 -11.08 21.02 -17.45
CA LEU A 138 -10.45 19.86 -16.82
C LEU A 138 -9.16 20.20 -16.09
N PHE A 139 -8.78 19.32 -15.17
CA PHE A 139 -7.53 19.45 -14.41
C PHE A 139 -6.70 18.26 -14.86
N VAL A 140 -5.44 18.48 -15.16
CA VAL A 140 -4.56 17.40 -15.58
C VAL A 140 -3.30 17.51 -14.73
N VAL A 141 -2.92 16.40 -14.11
CA VAL A 141 -1.72 16.35 -13.27
C VAL A 141 -0.84 15.21 -13.77
N GLU A 142 0.45 15.49 -13.96
CA GLU A 142 1.40 14.49 -14.42
C GLU A 142 2.41 14.35 -13.28
N GLY A 143 2.68 13.10 -12.89
CA GLY A 143 3.64 12.84 -11.82
C GLY A 143 4.21 11.45 -12.04
N TYR A 144 5.13 11.02 -11.18
CA TYR A 144 5.73 9.69 -11.34
C TYR A 144 5.39 8.71 -10.24
N CYS A 145 5.23 7.46 -10.60
CA CYS A 145 5.02 6.41 -9.62
C CYS A 145 6.38 5.73 -9.67
N GLY A 146 7.19 5.99 -8.64
CA GLY A 146 8.54 5.43 -8.58
C GLY A 146 9.63 6.50 -8.58
N ALA A 147 10.48 6.49 -7.55
CA ALA A 147 11.59 7.43 -7.42
C ALA A 147 12.82 6.97 -8.21
N SER A 148 12.75 5.77 -8.77
CA SER A 148 13.83 5.23 -9.58
C SER A 148 13.64 5.66 -11.04
N GLU A 149 14.62 6.34 -11.62
CA GLU A 149 14.48 6.76 -13.01
C GLU A 149 14.34 5.59 -13.97
N LYS A 150 15.00 4.48 -13.67
CA LYS A 150 14.95 3.29 -14.51
C LYS A 150 13.62 2.52 -14.48
N HIS A 151 12.97 2.48 -13.32
CA HIS A 151 11.73 1.72 -13.17
C HIS A 151 10.60 2.53 -12.56
N ARG A 152 10.11 3.52 -13.29
CA ARG A 152 9.01 4.34 -12.81
C ARG A 152 7.98 4.39 -13.91
N ILE A 153 6.77 4.80 -13.57
CA ILE A 153 5.69 4.93 -14.53
C ILE A 153 5.25 6.39 -14.47
N GLY A 154 5.31 7.06 -15.63
CA GLY A 154 4.86 8.45 -15.70
C GLY A 154 3.36 8.36 -15.74
N VAL A 155 2.69 9.02 -14.81
CA VAL A 155 1.24 8.95 -14.79
C VAL A 155 0.61 10.31 -15.09
N ARG A 156 -0.44 10.30 -15.92
CA ARG A 156 -1.18 11.50 -16.26
C ARG A 156 -2.60 11.22 -15.83
N MET A 157 -3.13 12.06 -14.94
CA MET A 157 -4.50 11.85 -14.49
C MET A 157 -5.33 13.01 -14.96
N VAL A 158 -6.52 12.71 -15.48
CA VAL A 158 -7.43 13.73 -15.98
C VAL A 158 -8.69 13.68 -15.13
N THR A 159 -9.10 14.84 -14.63
CA THR A 159 -10.29 14.90 -13.79
C THR A 159 -11.00 16.24 -13.94
N GLU A 160 -12.26 16.27 -13.53
CA GLU A 160 -13.05 17.50 -13.59
C GLU A 160 -13.25 18.05 -12.17
N VAL A 161 -12.62 17.39 -11.19
CA VAL A 161 -12.71 17.80 -9.79
C VAL A 161 -11.33 18.19 -9.25
N ALA A 162 -11.17 19.46 -8.86
CA ALA A 162 -9.88 19.96 -8.39
C ALA A 162 -9.21 19.18 -7.24
N TRP A 163 -9.97 18.76 -6.24
CA TRP A 163 -9.33 18.05 -5.13
C TRP A 163 -8.79 16.68 -5.55
N GLN A 164 -9.31 16.11 -6.63
CA GLN A 164 -8.79 14.83 -7.09
C GLN A 164 -7.41 15.10 -7.70
N ALA A 165 -7.25 16.26 -8.34
CA ALA A 165 -5.97 16.64 -8.90
C ALA A 165 -4.99 16.82 -7.73
N HIS A 166 -5.47 17.44 -6.65
CA HIS A 166 -4.67 17.68 -5.45
C HIS A 166 -4.19 16.34 -4.84
N PHE A 167 -5.08 15.36 -4.79
CA PHE A 167 -4.73 14.06 -4.25
C PHE A 167 -3.55 13.48 -5.02
N VAL A 168 -3.61 13.56 -6.35
CA VAL A 168 -2.53 13.04 -7.19
C VAL A 168 -1.25 13.87 -7.04
N LYS A 169 -1.37 15.18 -6.86
CA LYS A 169 -0.17 16.00 -6.70
C LYS A 169 0.53 15.58 -5.39
N ASN A 170 -0.27 15.21 -4.39
CA ASN A 170 0.26 14.78 -3.10
C ASN A 170 0.88 13.39 -3.17
N MET A 171 0.13 12.45 -3.74
CA MET A 171 0.52 11.04 -3.76
C MET A 171 1.52 10.51 -4.76
N PHE A 172 1.78 11.25 -5.83
CA PHE A 172 2.76 10.80 -6.80
C PHE A 172 3.93 11.76 -6.78
N ILE A 173 5.06 11.34 -7.33
CA ILE A 173 6.25 12.17 -7.32
C ILE A 173 6.08 13.35 -8.28
N ARG A 174 6.28 14.55 -7.73
CA ARG A 174 6.12 15.81 -8.46
C ARG A 174 7.37 16.06 -9.31
N PRO A 175 7.23 15.99 -10.65
CA PRO A 175 8.35 16.19 -11.58
C PRO A 175 8.99 17.57 -11.52
N THR A 176 10.28 17.63 -11.84
CA THR A 176 10.99 18.89 -11.88
C THR A 176 10.56 19.58 -13.17
N ASP A 177 10.86 20.87 -13.30
CA ASP A 177 10.50 21.61 -14.50
C ASP A 177 11.12 20.93 -15.71
N GLU A 178 12.37 20.49 -15.56
CA GLU A 178 13.07 19.81 -16.66
C GLU A 178 12.30 18.57 -17.09
N GLU A 179 11.93 17.74 -16.11
CA GLU A 179 11.21 16.50 -16.36
C GLU A 179 9.88 16.75 -17.05
N LEU A 180 9.19 17.82 -16.65
CA LEU A 180 7.91 18.14 -17.24
C LEU A 180 8.02 18.52 -18.72
N LYS A 181 9.22 18.89 -19.17
CA LYS A 181 9.43 19.25 -20.56
C LYS A 181 9.44 18.03 -21.49
N ASN A 182 9.95 16.91 -20.97
CA ASN A 182 10.02 15.68 -21.76
C ASN A 182 9.14 14.57 -21.18
N PHE A 183 8.22 14.94 -20.29
CA PHE A 183 7.35 13.98 -19.64
C PHE A 183 6.56 13.10 -20.61
N LYS A 184 6.66 11.79 -20.41
CA LYS A 184 5.93 10.83 -21.21
C LYS A 184 4.96 10.14 -20.28
N ALA A 185 3.69 10.15 -20.65
CA ALA A 185 2.66 9.50 -19.84
C ALA A 185 2.58 8.02 -20.21
N ASP A 186 3.15 7.16 -19.37
CA ASP A 186 3.11 5.70 -19.60
C ASP A 186 1.72 5.14 -19.25
N PHE A 187 1.03 5.79 -18.32
CA PHE A 187 -0.30 5.37 -17.90
C PHE A 187 -1.15 6.63 -17.74
N THR A 188 -2.39 6.55 -18.18
CA THR A 188 -3.29 7.68 -18.06
C THR A 188 -4.48 7.24 -17.23
N VAL A 189 -4.80 8.02 -16.21
CA VAL A 189 -5.93 7.73 -15.35
C VAL A 189 -7.05 8.69 -15.70
N LEU A 190 -8.17 8.16 -16.18
CA LEU A 190 -9.30 9.03 -16.51
C LEU A 190 -10.31 8.86 -15.37
N ASN A 191 -10.38 9.88 -14.52
CA ASN A 191 -11.30 9.85 -13.39
C ASN A 191 -12.69 10.37 -13.78
N GLY A 192 -13.62 9.44 -13.97
CA GLY A 192 -14.98 9.82 -14.32
C GLY A 192 -15.90 9.47 -13.15
N ALA A 193 -15.54 9.93 -11.96
CA ALA A 193 -16.32 9.65 -10.77
C ALA A 193 -17.78 10.05 -10.91
N LYS A 194 -18.02 11.14 -11.64
CA LYS A 194 -19.38 11.65 -11.83
C LYS A 194 -20.29 10.82 -12.74
N CYS A 195 -19.73 9.91 -13.54
CA CYS A 195 -20.55 9.09 -14.42
C CYS A 195 -20.72 7.67 -13.88
N THR A 196 -21.78 7.00 -14.34
CA THR A 196 -22.07 5.62 -13.96
C THR A 196 -22.38 4.84 -15.23
N ASN A 197 -22.14 3.54 -15.21
CA ASN A 197 -22.37 2.68 -16.36
C ASN A 197 -23.78 2.08 -16.35
N PRO A 198 -24.62 2.49 -17.32
CA PRO A 198 -26.01 2.02 -17.45
C PRO A 198 -26.16 0.60 -17.98
N ASN A 199 -25.17 0.13 -18.73
CA ASN A 199 -25.23 -1.22 -19.30
C ASN A 199 -24.53 -2.30 -18.49
N TRP A 200 -24.29 -2.05 -17.21
CA TRP A 200 -23.56 -3.04 -16.41
C TRP A 200 -24.19 -4.43 -16.27
N LYS A 201 -25.51 -4.50 -16.26
CA LYS A 201 -26.18 -5.80 -16.13
C LYS A 201 -25.94 -6.62 -17.40
N GLU A 202 -26.21 -5.99 -18.54
CA GLU A 202 -26.04 -6.63 -19.85
C GLU A 202 -24.59 -7.10 -19.99
N GLN A 203 -23.67 -6.32 -19.42
CA GLN A 203 -22.24 -6.63 -19.50
C GLN A 203 -21.75 -7.61 -18.45
N GLY A 204 -22.61 -7.94 -17.49
CA GLY A 204 -22.26 -8.90 -16.45
C GLY A 204 -21.31 -8.36 -15.40
N LEU A 205 -21.30 -7.05 -15.21
CA LEU A 205 -20.42 -6.44 -14.23
C LEU A 205 -21.09 -6.45 -12.86
N ASN A 206 -20.32 -6.09 -11.83
CA ASN A 206 -20.80 -6.08 -10.44
C ASN A 206 -21.83 -5.02 -10.11
N SER A 207 -21.63 -3.82 -10.64
CA SER A 207 -22.53 -2.68 -10.38
C SER A 207 -22.35 -1.64 -11.48
N GLU A 208 -22.98 -0.49 -11.29
CA GLU A 208 -22.90 0.59 -12.26
C GLU A 208 -21.57 1.34 -12.15
N ASN A 209 -20.79 0.98 -11.14
CA ASN A 209 -19.50 1.61 -10.90
C ASN A 209 -18.40 0.74 -11.51
N PHE A 210 -17.20 1.29 -11.64
CA PHE A 210 -16.10 0.54 -12.21
C PHE A 210 -14.74 1.18 -12.02
N VAL A 211 -13.72 0.33 -11.88
CA VAL A 211 -12.33 0.73 -11.75
C VAL A 211 -11.70 -0.33 -12.65
N ALA A 212 -11.47 0.05 -13.90
CA ALA A 212 -10.94 -0.88 -14.89
C ALA A 212 -9.59 -0.48 -15.41
N PHE A 213 -8.78 -1.49 -15.70
CA PHE A 213 -7.44 -1.30 -16.19
C PHE A 213 -7.18 -2.00 -17.51
N ASN A 214 -6.57 -1.29 -18.45
CA ASN A 214 -6.20 -1.90 -19.71
C ASN A 214 -4.69 -1.75 -19.72
N ILE A 215 -4.00 -2.87 -19.47
CA ILE A 215 -2.56 -2.86 -19.42
C ILE A 215 -1.90 -2.55 -20.76
N THR A 216 -2.48 -3.07 -21.84
CA THR A 216 -1.93 -2.82 -23.16
C THR A 216 -1.99 -1.34 -23.54
N GLU A 217 -3.15 -0.73 -23.32
CA GLU A 217 -3.35 0.68 -23.66
C GLU A 217 -2.74 1.62 -22.63
N GLY A 218 -2.54 1.12 -21.41
CA GLY A 218 -1.95 1.95 -20.36
C GLY A 218 -2.98 2.96 -19.85
N ILE A 219 -4.17 2.48 -19.52
CA ILE A 219 -5.21 3.37 -19.05
C ILE A 219 -5.98 2.78 -17.88
N GLN A 220 -6.32 3.64 -16.92
CA GLN A 220 -7.14 3.23 -15.79
C GLN A 220 -8.40 4.09 -15.89
N LEU A 221 -9.57 3.47 -15.81
CA LEU A 221 -10.83 4.23 -15.86
C LEU A 221 -11.49 4.10 -14.51
N ILE A 222 -12.00 5.21 -13.99
CA ILE A 222 -12.70 5.22 -12.72
C ILE A 222 -14.09 5.79 -12.93
N GLY A 223 -15.10 5.05 -12.50
CA GLY A 223 -16.46 5.55 -12.66
C GLY A 223 -17.35 5.25 -11.47
N GLY A 224 -18.09 6.26 -11.03
CA GLY A 224 -19.00 6.06 -9.93
C GLY A 224 -18.46 6.33 -8.55
N THR A 225 -17.19 6.00 -8.34
CA THR A 225 -16.58 6.19 -7.03
C THR A 225 -15.62 7.39 -6.96
N TRP A 226 -15.75 8.17 -5.89
CA TRP A 226 -14.92 9.36 -5.65
C TRP A 226 -13.72 9.11 -4.73
N TYR A 227 -13.70 7.94 -4.08
CA TYR A 227 -12.63 7.58 -3.15
C TYR A 227 -11.24 7.73 -3.77
N GLY A 228 -10.45 8.63 -3.17
CA GLY A 228 -9.10 8.88 -3.66
C GLY A 228 -8.19 7.68 -3.74
N GLY A 229 -8.31 6.75 -2.79
CA GLY A 229 -7.47 5.56 -2.80
C GLY A 229 -7.45 4.76 -4.10
N GLU A 230 -8.53 4.82 -4.88
CA GLU A 230 -8.57 4.06 -6.14
C GLU A 230 -7.47 4.51 -7.09
N MET A 231 -7.08 5.78 -7.02
CA MET A 231 -6.01 6.27 -7.89
C MET A 231 -4.66 5.77 -7.38
N LYS A 232 -4.45 5.87 -6.07
CA LYS A 232 -3.20 5.41 -5.43
C LYS A 232 -3.00 3.91 -5.61
N LYS A 233 -3.99 3.11 -5.19
CA LYS A 233 -3.88 1.66 -5.27
C LYS A 233 -3.99 1.10 -6.68
N GLY A 234 -4.57 1.85 -7.61
CA GLY A 234 -4.67 1.39 -8.97
C GLY A 234 -3.29 1.41 -9.61
N MET A 235 -2.55 2.49 -9.38
CA MET A 235 -1.22 2.59 -9.94
C MET A 235 -0.29 1.60 -9.23
N PHE A 236 -0.55 1.33 -7.95
CA PHE A 236 0.28 0.37 -7.21
C PHE A 236 0.08 -1.01 -7.86
N SER A 237 -1.17 -1.35 -8.20
CA SER A 237 -1.45 -2.63 -8.87
C SER A 237 -0.72 -2.74 -10.20
N MET A 238 -0.62 -1.62 -10.93
CA MET A 238 0.07 -1.64 -12.20
C MET A 238 1.58 -1.81 -11.96
N MET A 239 2.13 -1.12 -10.97
CA MET A 239 3.56 -1.29 -10.69
C MET A 239 3.75 -2.79 -10.32
N ASN A 240 2.82 -3.35 -9.58
CA ASN A 240 2.91 -4.77 -9.18
C ASN A 240 2.83 -5.72 -10.38
N TYR A 241 2.48 -5.19 -11.54
CA TYR A 241 2.46 -6.00 -12.74
C TYR A 241 3.78 -5.83 -13.49
N PHE A 242 4.10 -4.61 -13.90
CA PHE A 242 5.32 -4.37 -14.66
C PHE A 242 6.66 -4.67 -14.00
N LEU A 243 6.83 -4.23 -12.76
CA LEU A 243 8.14 -4.41 -12.11
C LEU A 243 8.61 -5.84 -11.88
N PRO A 244 7.78 -6.69 -11.25
CA PRO A 244 8.29 -8.05 -11.02
C PRO A 244 8.66 -8.81 -12.31
N LEU A 245 8.00 -8.48 -13.41
CA LEU A 245 8.28 -9.13 -14.69
C LEU A 245 9.66 -8.73 -15.19
N LYS A 246 10.18 -7.62 -14.65
CA LYS A 246 11.51 -7.12 -15.00
C LYS A 246 12.53 -7.42 -13.88
N GLY A 247 12.15 -8.28 -12.94
CA GLY A 247 13.05 -8.65 -11.87
C GLY A 247 13.16 -7.63 -10.74
N VAL A 248 12.23 -6.68 -10.68
CA VAL A 248 12.24 -5.64 -9.65
C VAL A 248 11.16 -5.95 -8.62
N ALA A 249 11.51 -5.93 -7.34
CA ALA A 249 10.51 -6.20 -6.32
C ALA A 249 9.57 -4.99 -6.25
N SER A 250 8.29 -5.27 -6.03
CA SER A 250 7.25 -4.21 -5.91
C SER A 250 6.59 -4.64 -4.61
N MET A 251 6.75 -3.79 -3.59
CA MET A 251 6.34 -4.15 -2.24
C MET A 251 5.38 -3.27 -1.47
N HIS A 252 4.50 -3.91 -0.69
CA HIS A 252 3.57 -3.15 0.16
C HIS A 252 4.28 -3.11 1.51
N CYS A 253 5.12 -2.10 1.71
CA CYS A 253 5.90 -2.02 2.94
C CYS A 253 6.31 -0.58 3.21
N SER A 254 6.81 -0.34 4.43
CA SER A 254 7.38 0.97 4.74
C SER A 254 8.92 0.73 4.65
N ALA A 255 9.71 1.80 4.66
CA ALA A 255 11.16 1.64 4.59
C ALA A 255 11.84 2.83 5.24
N ASN A 256 12.94 2.59 5.93
CA ASN A 256 13.67 3.72 6.51
C ASN A 256 15.16 3.46 6.41
N VAL A 257 15.96 4.46 6.74
CA VAL A 257 17.41 4.32 6.60
C VAL A 257 18.15 4.97 7.77
N GLY A 258 19.14 4.24 8.29
CA GLY A 258 19.92 4.73 9.40
C GLY A 258 20.84 5.86 8.99
N LYS A 259 21.42 6.53 9.97
CA LYS A 259 22.33 7.63 9.71
C LYS A 259 23.49 7.17 8.82
N ASP A 260 23.92 5.92 8.99
CA ASP A 260 25.04 5.40 8.20
C ASP A 260 24.67 4.91 6.81
N GLY A 261 23.37 4.90 6.49
CA GLY A 261 22.96 4.46 5.17
C GLY A 261 22.45 3.02 5.09
N ASP A 262 22.23 2.40 6.24
CA ASP A 262 21.71 1.02 6.29
C ASP A 262 20.19 1.09 6.10
N VAL A 263 19.67 0.28 5.18
CA VAL A 263 18.25 0.30 4.82
C VAL A 263 17.47 -0.90 5.33
N ALA A 264 16.28 -0.64 5.87
CA ALA A 264 15.42 -1.72 6.36
C ALA A 264 14.02 -1.54 5.78
N ILE A 265 13.31 -2.65 5.57
CA ILE A 265 11.96 -2.56 5.07
C ILE A 265 11.08 -3.36 6.04
N PHE A 266 9.86 -2.86 6.25
CA PHE A 266 8.92 -3.46 7.19
C PHE A 266 7.60 -3.81 6.54
N PHE A 267 7.15 -5.02 6.77
CA PHE A 267 5.86 -5.47 6.28
C PHE A 267 4.99 -5.80 7.49
N GLY A 268 3.68 -5.64 7.33
CA GLY A 268 2.78 -5.97 8.42
C GLY A 268 1.39 -5.43 8.17
N LEU A 269 0.36 -6.25 8.41
CA LEU A 269 -1.02 -5.82 8.20
C LEU A 269 -1.41 -4.83 9.30
N SER A 270 -2.58 -4.22 9.19
CA SER A 270 -3.02 -3.27 10.23
C SER A 270 -2.98 -3.86 11.63
N GLY A 271 -2.54 -3.04 12.58
CA GLY A 271 -2.47 -3.47 13.97
C GLY A 271 -1.24 -4.23 14.41
N THR A 272 -0.23 -4.33 13.54
CA THR A 272 0.98 -5.10 13.86
C THR A 272 2.13 -4.19 14.34
N GLY A 273 1.86 -2.89 14.37
CA GLY A 273 2.84 -1.91 14.82
C GLY A 273 3.74 -1.40 13.71
N LYS A 274 3.35 -1.59 12.46
CA LYS A 274 4.19 -1.17 11.33
C LYS A 274 4.55 0.32 11.38
N THR A 275 3.53 1.16 11.50
CA THR A 275 3.78 2.60 11.53
C THR A 275 4.67 3.03 12.68
N THR A 276 4.38 2.56 13.88
CA THR A 276 5.15 2.93 15.07
C THR A 276 6.58 2.43 15.06
N LEU A 277 6.77 1.18 14.67
CA LEU A 277 8.11 0.60 14.67
C LEU A 277 9.01 1.07 13.54
N SER A 278 8.43 1.63 12.49
CA SER A 278 9.23 2.14 11.37
C SER A 278 9.44 3.64 11.52
N THR A 279 8.93 4.20 12.61
CA THR A 279 9.08 5.63 12.91
C THR A 279 10.11 5.70 14.03
N ASP A 280 11.27 6.25 13.71
CA ASP A 280 12.39 6.32 14.65
C ASP A 280 13.14 7.62 14.35
N PRO A 281 13.33 8.47 15.37
CA PRO A 281 14.04 9.76 15.23
C PRO A 281 15.39 9.60 14.55
N LYS A 282 16.05 8.49 14.78
CA LYS A 282 17.37 8.27 14.19
C LYS A 282 17.41 7.67 12.79
N ARG A 283 16.25 7.33 12.23
CA ARG A 283 16.21 6.75 10.89
C ARG A 283 15.26 7.53 10.01
N GLN A 284 15.77 8.02 8.89
CA GLN A 284 14.96 8.81 7.99
C GLN A 284 14.01 7.94 7.21
N LEU A 285 12.79 8.44 7.06
CA LEU A 285 11.76 7.72 6.36
C LEU A 285 11.94 7.77 4.86
N ILE A 286 11.94 6.60 4.22
CA ILE A 286 12.02 6.56 2.77
C ILE A 286 10.57 6.66 2.26
N GLY A 287 9.69 5.87 2.87
CA GLY A 287 8.30 5.86 2.48
C GLY A 287 7.50 5.04 3.47
N ASP A 288 6.18 5.19 3.45
CA ASP A 288 5.38 4.46 4.42
C ASP A 288 4.49 3.36 3.87
N ASP A 289 4.45 3.18 2.56
CA ASP A 289 3.49 2.21 2.04
C ASP A 289 3.84 1.39 0.80
N GLU A 290 4.46 2.02 -0.20
CA GLU A 290 4.79 1.34 -1.46
C GLU A 290 6.24 1.53 -1.93
N HIS A 291 6.98 0.44 -2.08
CA HIS A 291 8.37 0.55 -2.51
C HIS A 291 8.81 -0.47 -3.54
N GLY A 292 9.84 -0.10 -4.28
CA GLY A 292 10.41 -1.00 -5.26
C GLY A 292 11.83 -1.34 -4.84
N TRP A 293 12.40 -2.43 -5.36
CA TRP A 293 13.76 -2.76 -5.02
C TRP A 293 14.39 -3.23 -6.33
N ASP A 294 15.23 -2.38 -6.93
CA ASP A 294 15.89 -2.74 -8.18
C ASP A 294 17.40 -2.86 -8.00
N GLU A 295 18.14 -2.84 -9.11
CA GLU A 295 19.58 -3.00 -9.07
C GLU A 295 20.32 -1.94 -8.29
N SER A 296 19.66 -0.80 -8.05
CA SER A 296 20.28 0.32 -7.33
C SER A 296 19.86 0.45 -5.87
N GLY A 297 18.76 -0.19 -5.49
CA GLY A 297 18.31 -0.07 -4.10
C GLY A 297 16.81 -0.02 -3.95
N VAL A 298 16.39 0.47 -2.79
CA VAL A 298 14.97 0.55 -2.44
C VAL A 298 14.47 1.97 -2.71
N PHE A 299 13.33 2.06 -3.40
CA PHE A 299 12.79 3.37 -3.73
C PHE A 299 11.30 3.48 -3.47
N ASN A 300 10.87 4.60 -2.93
CA ASN A 300 9.44 4.85 -2.69
C ASN A 300 8.74 5.01 -4.05
N PHE A 301 7.51 4.55 -4.16
CA PHE A 301 6.76 4.75 -5.40
C PHE A 301 6.04 6.11 -5.30
N GLU A 302 5.82 6.55 -4.07
CA GLU A 302 5.00 7.73 -3.81
C GLU A 302 5.66 9.06 -3.50
N GLY A 303 4.89 10.14 -3.65
CA GLY A 303 5.39 11.47 -3.36
C GLY A 303 4.78 12.02 -2.09
N GLY A 304 4.02 11.18 -1.39
CA GLY A 304 3.37 11.59 -0.17
C GLY A 304 2.84 10.41 0.61
N CYS A 305 2.06 10.70 1.64
CA CYS A 305 1.48 9.68 2.50
C CYS A 305 -0.04 9.83 2.61
N TYR A 306 -0.75 8.71 2.60
CA TYR A 306 -2.21 8.71 2.70
C TYR A 306 -2.50 7.99 4.01
N ALA A 307 -2.63 8.77 5.08
CA ALA A 307 -2.81 8.23 6.42
C ALA A 307 -4.23 8.17 6.96
N LYS A 308 -4.48 7.16 7.80
CA LYS A 308 -5.77 7.00 8.45
C LYS A 308 -5.80 8.03 9.58
N THR A 309 -6.93 8.70 9.76
CA THR A 309 -7.03 9.71 10.80
C THR A 309 -8.02 9.43 11.90
N ILE A 310 -8.74 8.30 11.84
CA ILE A 310 -9.72 8.05 12.90
C ILE A 310 -9.07 8.02 14.28
N ASN A 311 -9.65 8.77 15.22
CA ASN A 311 -9.13 8.84 16.59
C ASN A 311 -7.72 9.44 16.69
N LEU A 312 -7.32 10.16 15.63
CA LEU A 312 -6.00 10.80 15.59
C LEU A 312 -5.84 11.82 16.71
N SER A 313 -4.68 11.84 17.34
CA SER A 313 -4.42 12.80 18.40
C SER A 313 -2.99 13.31 18.27
N GLN A 314 -2.78 14.55 18.69
CA GLN A 314 -1.45 15.13 18.59
C GLN A 314 -0.49 14.39 19.51
N GLU A 315 -1.00 13.98 20.66
CA GLU A 315 -0.18 13.26 21.64
C GLU A 315 0.34 11.93 21.07
N ASN A 316 -0.55 11.14 20.49
CA ASN A 316 -0.19 9.83 19.95
C ASN A 316 0.48 9.78 18.59
N GLU A 317 -0.02 10.55 17.64
CA GLU A 317 0.55 10.53 16.31
C GLU A 317 1.00 11.94 15.90
N PRO A 318 2.02 12.46 16.59
CA PRO A 318 2.56 13.81 16.33
C PRO A 318 3.05 14.07 14.92
N ASP A 319 3.59 13.04 14.27
CA ASP A 319 4.09 13.21 12.91
C ASP A 319 2.94 13.41 11.93
N ILE A 320 1.92 12.56 12.05
CA ILE A 320 0.74 12.63 11.21
C ILE A 320 -0.08 13.88 11.50
N TYR A 321 -0.31 14.14 12.78
CA TYR A 321 -1.08 15.32 13.18
C TYR A 321 -0.37 16.57 12.72
N GLY A 322 0.94 16.62 12.94
CA GLY A 322 1.72 17.77 12.53
C GLY A 322 1.72 18.03 11.03
N ALA A 323 1.46 16.98 10.25
CA ALA A 323 1.44 17.09 8.80
C ALA A 323 0.13 17.67 8.27
N ILE A 324 -0.89 17.74 9.13
CA ILE A 324 -2.18 18.28 8.68
C ILE A 324 -2.14 19.80 8.75
N ARG A 325 -1.86 20.42 7.62
CA ARG A 325 -1.79 21.87 7.50
C ARG A 325 -2.02 22.18 6.03
N ARG A 326 -1.96 23.46 5.66
CA ARG A 326 -2.22 23.83 4.27
C ARG A 326 -1.40 22.92 3.36
N ASP A 327 -2.10 22.38 2.37
CA ASP A 327 -1.60 21.47 1.34
C ASP A 327 -1.90 20.00 1.65
N ALA A 328 -2.26 19.70 2.90
CA ALA A 328 -2.69 18.34 3.24
C ALA A 328 -4.12 18.35 2.72
N LEU A 329 -4.71 17.18 2.53
CA LEU A 329 -6.09 17.12 2.06
C LEU A 329 -6.81 16.11 2.94
N LEU A 330 -7.74 16.59 3.77
CA LEU A 330 -8.51 15.72 4.66
C LEU A 330 -9.68 15.11 3.88
N GLU A 331 -10.05 13.89 4.24
CA GLU A 331 -11.10 13.17 3.54
C GLU A 331 -12.08 12.49 4.48
N ASN A 332 -13.34 12.87 4.36
CA ASN A 332 -14.45 12.34 5.15
C ASN A 332 -14.42 12.59 6.66
N VAL A 333 -13.61 13.55 7.09
CA VAL A 333 -13.56 13.88 8.52
C VAL A 333 -14.76 14.74 8.85
N VAL A 334 -15.15 14.78 10.11
CA VAL A 334 -16.29 15.59 10.52
C VAL A 334 -15.75 16.94 10.94
N VAL A 335 -16.29 18.01 10.35
CA VAL A 335 -15.87 19.38 10.67
C VAL A 335 -16.99 20.04 11.46
N ARG A 336 -16.66 20.56 12.63
CA ARG A 336 -17.65 21.21 13.48
C ARG A 336 -18.06 22.56 12.90
N ALA A 337 -19.08 23.17 13.50
CA ALA A 337 -19.58 24.46 13.04
C ALA A 337 -18.50 25.55 13.05
N ASP A 338 -17.54 25.45 13.96
CA ASP A 338 -16.48 26.45 14.02
C ASP A 338 -15.31 26.15 13.10
N GLY A 339 -15.42 25.07 12.31
CA GLY A 339 -14.35 24.72 11.39
C GLY A 339 -13.28 23.78 11.93
N SER A 340 -13.35 23.43 13.21
CA SER A 340 -12.38 22.52 13.80
C SER A 340 -12.72 21.09 13.40
N VAL A 341 -11.75 20.19 13.54
CA VAL A 341 -11.98 18.80 13.15
C VAL A 341 -12.19 17.85 14.34
N ASP A 342 -13.29 17.10 14.32
CA ASP A 342 -13.53 16.11 15.37
C ASP A 342 -12.99 14.80 14.79
N PHE A 343 -11.72 14.50 15.05
CA PHE A 343 -11.09 13.30 14.53
C PHE A 343 -11.67 11.98 15.07
N ASP A 344 -12.44 12.05 16.14
CA ASP A 344 -13.02 10.83 16.70
C ASP A 344 -14.36 10.49 16.09
N ASP A 345 -14.92 11.40 15.30
CA ASP A 345 -16.23 11.16 14.69
C ASP A 345 -16.15 10.36 13.38
N GLY A 346 -16.63 9.12 13.44
CA GLY A 346 -16.62 8.26 12.27
C GLY A 346 -17.98 8.14 11.60
N SER A 347 -18.85 9.13 11.82
CA SER A 347 -20.20 9.10 11.22
C SER A 347 -20.18 8.90 9.71
N LYS A 348 -19.27 9.59 9.02
CA LYS A 348 -19.18 9.45 7.58
C LYS A 348 -18.57 8.09 7.24
N THR A 349 -17.52 7.74 7.98
CA THR A 349 -16.83 6.48 7.81
C THR A 349 -15.75 6.35 8.87
N GLU A 350 -15.37 5.11 9.17
CA GLU A 350 -14.29 4.90 10.12
C GLU A 350 -12.98 5.10 9.35
N ASN A 351 -13.05 5.04 8.01
CA ASN A 351 -11.87 5.20 7.17
C ASN A 351 -11.55 6.64 6.79
N THR A 352 -11.53 7.55 7.75
CA THR A 352 -11.21 8.94 7.46
C THR A 352 -9.72 8.94 7.12
N ARG A 353 -9.33 9.83 6.21
CA ARG A 353 -7.95 9.88 5.77
C ARG A 353 -7.44 11.28 5.59
N VAL A 354 -6.15 11.36 5.35
CA VAL A 354 -5.54 12.63 5.02
C VAL A 354 -4.34 12.30 4.14
N SER A 355 -4.19 13.05 3.06
CA SER A 355 -3.02 12.87 2.22
C SER A 355 -2.21 14.15 2.30
N TYR A 356 -0.90 14.03 2.15
CA TYR A 356 -0.03 15.18 2.18
C TYR A 356 1.28 14.83 1.48
N PRO A 357 1.94 15.83 0.87
CA PRO A 357 3.21 15.60 0.17
C PRO A 357 4.17 15.14 1.28
N ILE A 358 5.12 14.28 0.94
CA ILE A 358 5.99 13.71 1.96
C ILE A 358 6.81 14.67 2.81
N TYR A 359 7.16 15.85 2.29
CA TYR A 359 7.94 16.77 3.10
C TYR A 359 7.16 17.36 4.28
N HIS A 360 5.89 16.97 4.46
CA HIS A 360 5.14 17.44 5.62
C HIS A 360 5.62 16.65 6.84
N ILE A 361 6.50 15.67 6.58
CA ILE A 361 7.10 14.87 7.65
C ILE A 361 8.55 15.37 7.66
N ASP A 362 9.08 15.70 8.82
CA ASP A 362 10.44 16.24 8.88
C ASP A 362 11.56 15.22 8.68
N ASN A 363 11.48 14.12 9.42
CA ASN A 363 12.48 13.05 9.42
C ASN A 363 12.36 12.10 8.21
N ILE A 364 12.69 12.62 7.03
CA ILE A 364 12.59 11.87 5.76
C ILE A 364 13.86 11.97 4.94
N VAL A 365 14.06 11.01 4.04
CA VAL A 365 15.23 11.04 3.18
C VAL A 365 14.98 12.10 2.12
N ARG A 366 15.99 12.94 1.85
CA ARG A 366 15.89 13.98 0.83
C ARG A 366 17.18 14.01 0.02
N PRO A 367 17.13 14.56 -1.21
CA PRO A 367 16.03 15.18 -1.95
C PRO A 367 15.08 14.21 -2.63
N VAL A 368 15.51 12.95 -2.78
CA VAL A 368 14.73 11.92 -3.45
C VAL A 368 14.46 10.77 -2.48
N SER A 369 13.24 10.25 -2.50
CA SER A 369 12.85 9.19 -1.60
C SER A 369 13.36 7.83 -2.04
N LYS A 370 14.66 7.60 -1.88
CA LYS A 370 15.23 6.30 -2.24
C LYS A 370 16.54 6.12 -1.49
N ALA A 371 17.01 4.87 -1.39
CA ALA A 371 18.27 4.60 -0.71
C ALA A 371 18.92 3.33 -1.27
N GLY A 372 19.97 2.86 -0.61
CA GLY A 372 20.65 1.67 -1.07
C GLY A 372 19.89 0.37 -0.85
N HIS A 373 20.57 -0.75 -1.07
CA HIS A 373 19.92 -2.06 -0.89
C HIS A 373 19.59 -2.33 0.56
N ALA A 374 18.42 -2.94 0.78
CA ALA A 374 18.01 -3.28 2.13
C ALA A 374 18.88 -4.41 2.64
N THR A 375 19.21 -4.37 3.92
CA THR A 375 19.99 -5.44 4.55
C THR A 375 19.18 -6.08 5.68
N LYS A 376 18.04 -5.50 6.03
CA LYS A 376 17.18 -6.09 7.07
C LYS A 376 15.75 -6.03 6.55
N VAL A 377 15.05 -7.15 6.66
CA VAL A 377 13.66 -7.30 6.21
C VAL A 377 12.87 -7.79 7.41
N ILE A 378 11.84 -7.03 7.80
CA ILE A 378 11.05 -7.38 8.98
C ILE A 378 9.57 -7.64 8.62
N PHE A 379 9.09 -8.85 8.98
CA PHE A 379 7.69 -9.25 8.77
C PHE A 379 7.04 -9.15 10.14
N LEU A 380 6.13 -8.20 10.32
CA LEU A 380 5.47 -8.05 11.62
C LEU A 380 4.16 -8.84 11.63
N THR A 381 3.76 -9.28 12.82
CA THR A 381 2.51 -10.02 12.99
C THR A 381 2.04 -9.81 14.44
N ALA A 382 0.74 -9.71 14.63
CA ALA A 382 0.19 -9.56 15.96
C ALA A 382 -0.46 -10.92 16.18
N ASP A 383 0.29 -11.86 16.75
CA ASP A 383 -0.22 -13.22 16.91
C ASP A 383 -1.13 -13.36 18.13
N ALA A 384 -2.43 -13.27 17.89
CA ALA A 384 -3.40 -13.38 18.96
C ALA A 384 -3.48 -14.79 19.51
N PHE A 385 -2.85 -15.76 18.83
CA PHE A 385 -2.86 -17.14 19.32
C PHE A 385 -1.78 -17.34 20.39
N GLY A 386 -0.89 -16.35 20.51
CA GLY A 386 0.19 -16.40 21.48
C GLY A 386 1.14 -17.56 21.26
N VAL A 387 1.39 -17.88 19.99
CA VAL A 387 2.25 -19.00 19.61
C VAL A 387 3.62 -18.63 19.05
N LEU A 388 3.66 -17.61 18.21
CA LEU A 388 4.92 -17.23 17.57
C LEU A 388 5.91 -16.50 18.50
N PRO A 389 7.22 -16.73 18.30
CA PRO A 389 8.25 -16.10 19.11
C PRO A 389 8.26 -14.59 18.89
N PRO A 390 8.66 -13.82 19.90
CA PRO A 390 8.70 -12.37 19.67
C PRO A 390 9.57 -12.10 18.42
N VAL A 391 10.58 -12.95 18.21
CA VAL A 391 11.42 -12.80 17.02
C VAL A 391 12.07 -14.10 16.56
N SER A 392 12.01 -14.33 15.26
CA SER A 392 12.62 -15.50 14.64
C SER A 392 13.39 -15.06 13.40
N LYS A 393 14.54 -15.69 13.17
CA LYS A 393 15.31 -15.40 11.95
C LYS A 393 14.88 -16.43 10.91
N LEU A 394 14.35 -15.98 9.78
CA LEU A 394 13.86 -16.88 8.73
C LEU A 394 14.91 -17.36 7.72
N THR A 395 14.70 -18.56 7.20
CA THR A 395 15.54 -19.10 6.16
C THR A 395 14.97 -18.46 4.89
N PRO A 396 15.68 -18.54 3.76
CA PRO A 396 15.14 -17.93 2.53
C PRO A 396 13.79 -18.59 2.15
N GLU A 397 13.70 -19.91 2.32
CA GLU A 397 12.44 -20.58 1.98
C GLU A 397 11.32 -20.12 2.92
N GLN A 398 11.62 -20.00 4.20
CA GLN A 398 10.60 -19.55 5.15
C GLN A 398 10.25 -18.09 4.82
N THR A 399 11.21 -17.34 4.33
CA THR A 399 10.90 -15.95 3.97
C THR A 399 9.82 -15.99 2.90
N GLU A 400 9.94 -16.86 1.91
CA GLU A 400 8.90 -16.88 0.89
C GLU A 400 7.60 -17.42 1.47
N TYR A 401 7.69 -18.42 2.33
CA TYR A 401 6.47 -19.01 2.90
C TYR A 401 5.66 -17.99 3.71
N TYR A 402 6.33 -17.25 4.60
CA TYR A 402 5.61 -16.29 5.42
C TYR A 402 5.23 -15.01 4.66
N PHE A 403 5.88 -14.77 3.53
CA PHE A 403 5.55 -13.62 2.69
C PHE A 403 4.22 -13.96 2.00
N LEU A 404 4.11 -15.18 1.50
CA LEU A 404 2.84 -15.60 0.85
C LEU A 404 1.73 -15.72 1.88
N SER A 405 2.06 -16.07 3.11
CA SER A 405 1.05 -16.21 4.15
C SER A 405 0.49 -14.83 4.59
N GLY A 406 1.36 -13.84 4.80
CA GLY A 406 0.89 -12.52 5.20
C GLY A 406 -0.12 -12.60 6.35
N PHE A 407 0.30 -13.25 7.44
CA PHE A 407 -0.53 -13.50 8.61
C PHE A 407 -0.53 -12.50 9.77
N THR A 408 -1.70 -12.36 10.39
CA THR A 408 -1.87 -11.59 11.62
C THR A 408 -3.19 -12.07 12.22
N ALA A 409 -3.44 -11.71 13.47
CA ALA A 409 -4.67 -12.13 14.11
C ALA A 409 -5.13 -11.07 15.12
N LYS A 410 -6.36 -11.22 15.59
CA LYS A 410 -6.94 -10.33 16.58
C LYS A 410 -7.82 -11.22 17.45
N LEU A 411 -8.22 -10.72 18.60
CA LEU A 411 -9.04 -11.51 19.51
C LEU A 411 -10.53 -11.47 19.20
N GLU A 420 -11.97 -15.13 21.21
CA GLU A 420 -11.34 -16.17 20.39
C GLU A 420 -10.44 -15.55 19.31
N PRO A 421 -9.23 -16.11 19.12
CA PRO A 421 -8.34 -15.56 18.09
C PRO A 421 -8.86 -15.79 16.67
N THR A 422 -8.87 -14.73 15.87
CA THR A 422 -9.35 -14.77 14.50
C THR A 422 -8.23 -14.31 13.57
N PRO A 423 -7.79 -15.18 12.66
CA PRO A 423 -6.70 -14.78 11.75
C PRO A 423 -7.09 -14.08 10.47
N THR A 424 -6.13 -13.38 9.90
CA THR A 424 -6.30 -12.72 8.62
C THR A 424 -5.03 -13.13 7.88
N PHE A 425 -5.17 -13.55 6.64
CA PHE A 425 -4.05 -13.93 5.78
C PHE A 425 -4.19 -13.05 4.54
N SER A 426 -3.13 -12.36 4.15
CA SER A 426 -3.18 -11.51 2.95
C SER A 426 -1.83 -11.68 2.22
N ALA A 427 -1.85 -12.42 1.12
CA ALA A 427 -0.64 -12.70 0.35
C ALA A 427 0.25 -11.47 0.14
N CYS A 428 1.55 -11.62 0.42
CA CYS A 428 2.55 -10.55 0.23
C CYS A 428 2.20 -9.28 1.00
N PHE A 429 1.37 -9.43 2.03
CA PHE A 429 0.92 -8.31 2.87
C PHE A 429 0.13 -7.26 2.06
N GLY A 430 -0.47 -7.70 0.95
CA GLY A 430 -1.25 -6.77 0.11
C GLY A 430 -1.90 -7.51 -1.06
N ALA A 431 -2.66 -8.54 -0.73
CA ALA A 431 -3.28 -9.39 -1.77
C ALA A 431 -4.13 -8.64 -2.76
N ALA A 432 -4.85 -7.64 -2.30
CA ALA A 432 -5.75 -6.86 -3.15
C ALA A 432 -5.08 -6.12 -4.29
N PHE A 433 -3.76 -5.98 -4.25
CA PHE A 433 -3.05 -5.24 -5.28
C PHE A 433 -2.12 -6.09 -6.14
N LEU A 434 -2.18 -7.39 -5.96
CA LEU A 434 -1.32 -8.29 -6.73
C LEU A 434 -1.87 -8.60 -8.13
N SER A 435 -1.15 -8.17 -9.16
CA SER A 435 -1.53 -8.41 -10.55
C SER A 435 -0.91 -9.71 -11.06
N LEU A 436 0.09 -10.22 -10.34
CA LEU A 436 0.80 -11.45 -10.68
C LEU A 436 0.57 -12.44 -9.53
N HIS A 437 1.02 -13.69 -9.67
CA HIS A 437 0.85 -14.65 -8.58
C HIS A 437 1.79 -14.28 -7.45
N PRO A 438 1.37 -14.48 -6.19
CA PRO A 438 2.17 -14.19 -5.01
C PRO A 438 3.63 -14.68 -5.12
N ILE A 439 3.81 -15.87 -5.70
CA ILE A 439 5.15 -16.44 -5.81
C ILE A 439 6.09 -15.56 -6.62
N GLN A 440 5.55 -14.83 -7.57
CA GLN A 440 6.39 -13.99 -8.40
C GLN A 440 6.95 -12.81 -7.61
N TYR A 441 6.21 -12.34 -6.59
CA TYR A 441 6.67 -11.24 -5.76
C TYR A 441 7.69 -11.79 -4.76
N ALA A 442 7.43 -12.99 -4.24
CA ALA A 442 8.35 -13.59 -3.28
C ALA A 442 9.71 -13.88 -3.93
N ASP A 443 9.69 -14.46 -5.13
CA ASP A 443 10.92 -14.76 -5.84
C ASP A 443 11.82 -13.54 -6.01
N VAL A 444 11.28 -12.42 -6.50
CA VAL A 444 12.14 -11.25 -6.69
C VAL A 444 12.59 -10.64 -5.37
N LEU A 445 11.76 -10.70 -4.33
CA LEU A 445 12.19 -10.18 -3.05
C LEU A 445 13.40 -10.98 -2.53
N VAL A 446 13.31 -12.31 -2.57
CA VAL A 446 14.41 -13.11 -2.06
C VAL A 446 15.67 -13.02 -2.92
N GLU A 447 15.51 -12.77 -4.22
CA GLU A 447 16.64 -12.60 -5.14
C GLU A 447 17.40 -11.33 -4.73
N ARG A 448 16.67 -10.24 -4.48
CA ARG A 448 17.32 -9.00 -4.06
C ARG A 448 17.98 -9.18 -2.68
N MET A 449 17.31 -9.88 -1.77
CA MET A 449 17.88 -10.12 -0.45
C MET A 449 19.16 -10.94 -0.51
N LYS A 450 19.18 -11.96 -1.36
CA LYS A 450 20.34 -12.81 -1.48
C LYS A 450 21.55 -11.99 -1.94
N ALA A 451 21.34 -11.11 -2.91
CA ALA A 451 22.45 -10.30 -3.41
C ALA A 451 23.04 -9.34 -2.38
N SER A 452 22.21 -8.78 -1.49
CA SER A 452 22.74 -7.87 -0.47
C SER A 452 23.02 -8.54 0.86
N GLY A 453 22.76 -9.84 0.94
CA GLY A 453 22.98 -10.57 2.18
C GLY A 453 21.97 -10.17 3.24
N ALA A 454 20.80 -9.69 2.82
CA ALA A 454 19.76 -9.26 3.78
C ALA A 454 19.21 -10.43 4.57
N GLU A 455 18.88 -10.21 5.84
CA GLU A 455 18.29 -11.25 6.68
C GLU A 455 16.85 -10.84 6.93
N ALA A 456 15.95 -11.82 6.98
CA ALA A 456 14.54 -11.54 7.25
C ALA A 456 14.17 -12.08 8.64
N TYR A 457 13.30 -11.37 9.35
CA TYR A 457 12.87 -11.77 10.68
C TYR A 457 11.36 -11.69 10.81
N LEU A 458 10.77 -12.69 11.49
CA LEU A 458 9.33 -12.69 11.75
C LEU A 458 9.24 -12.17 13.18
N VAL A 459 8.54 -11.06 13.39
CA VAL A 459 8.42 -10.43 14.70
C VAL A 459 6.98 -10.38 15.18
N ASN A 460 6.71 -11.05 16.29
CA ASN A 460 5.38 -11.08 16.88
C ASN A 460 5.24 -9.94 17.87
N THR A 461 4.43 -8.95 17.50
CA THR A 461 4.18 -7.79 18.36
C THR A 461 2.84 -7.97 19.06
N GLY A 462 2.30 -9.19 18.96
CA GLY A 462 1.02 -9.50 19.56
C GLY A 462 1.02 -9.97 21.01
N TRP A 463 0.56 -11.19 21.22
CA TRP A 463 0.42 -11.78 22.55
C TRP A 463 1.27 -13.04 22.80
N ASN A 464 1.39 -13.42 24.07
CA ASN A 464 2.12 -14.64 24.41
C ASN A 464 1.27 -15.42 25.43
N GLY A 465 1.88 -16.40 26.09
CA GLY A 465 1.18 -17.24 27.05
C GLY A 465 0.53 -16.58 28.25
N THR A 466 0.99 -15.39 28.62
CA THR A 466 0.39 -14.69 29.76
C THR A 466 -1.02 -14.28 29.39
N GLY A 467 -1.31 -14.28 28.09
CA GLY A 467 -2.62 -13.88 27.62
C GLY A 467 -2.63 -12.39 27.38
N LYS A 468 -1.51 -11.74 27.71
CA LYS A 468 -1.36 -10.30 27.53
C LYS A 468 -0.42 -10.02 26.37
N ARG A 469 -0.42 -8.77 25.93
CA ARG A 469 0.44 -8.35 24.82
C ARG A 469 1.89 -8.26 25.22
N ILE A 470 2.77 -8.53 24.27
CA ILE A 470 4.20 -8.45 24.53
C ILE A 470 4.49 -6.97 24.79
N SER A 471 5.37 -6.65 25.72
CA SER A 471 5.61 -5.23 26.00
C SER A 471 6.31 -4.52 24.85
N ILE A 472 5.99 -3.25 24.66
CA ILE A 472 6.60 -2.48 23.59
C ILE A 472 8.08 -2.27 23.91
N LYS A 473 8.44 -2.31 25.19
CA LYS A 473 9.84 -2.17 25.57
C LYS A 473 10.62 -3.33 24.94
N ASP A 474 10.07 -4.54 25.05
CA ASP A 474 10.74 -5.70 24.48
C ASP A 474 10.73 -5.66 22.94
N THR A 475 9.61 -5.27 22.37
CA THR A 475 9.50 -5.20 20.92
C THR A 475 10.47 -4.17 20.35
N ARG A 476 10.59 -3.02 21.00
CA ARG A 476 11.54 -2.01 20.54
C ARG A 476 12.97 -2.55 20.70
N GLY A 477 13.20 -3.32 21.76
CA GLY A 477 14.51 -3.89 21.97
C GLY A 477 14.85 -4.89 20.88
N ILE A 478 13.82 -5.59 20.41
CA ILE A 478 13.96 -6.59 19.35
C ILE A 478 14.26 -5.92 18.01
N ILE A 479 13.53 -4.85 17.71
CA ILE A 479 13.78 -4.12 16.47
C ILE A 479 15.22 -3.56 16.50
N ASP A 480 15.64 -3.04 17.67
CA ASP A 480 17.00 -2.50 17.79
C ASP A 480 18.05 -3.57 17.54
N ALA A 481 17.82 -4.76 18.09
CA ALA A 481 18.77 -5.88 17.96
C ALA A 481 18.85 -6.35 16.52
N ILE A 482 17.73 -6.23 15.81
CA ILE A 482 17.70 -6.60 14.40
C ILE A 482 18.52 -5.59 13.62
N LEU A 483 18.24 -4.31 13.82
CA LEU A 483 18.96 -3.28 13.08
C LEU A 483 20.44 -3.16 13.45
N ASP A 484 20.82 -3.41 14.72
CA ASP A 484 22.24 -3.29 15.02
C ASP A 484 23.04 -4.57 14.85
N GLY A 485 22.34 -5.63 14.43
CA GLY A 485 22.98 -6.91 14.19
C GLY A 485 23.30 -7.77 15.39
N SER A 486 22.91 -7.33 16.58
CA SER A 486 23.21 -8.10 17.78
C SER A 486 22.49 -9.45 17.75
N ILE A 487 21.34 -9.51 17.10
CA ILE A 487 20.63 -10.77 17.04
C ILE A 487 21.46 -11.80 16.26
N GLU A 488 22.30 -11.34 15.35
CA GLU A 488 23.13 -12.25 14.56
C GLU A 488 24.26 -12.84 15.40
N LYS A 489 24.53 -12.24 16.54
CA LYS A 489 25.59 -12.70 17.43
C LYS A 489 25.04 -13.60 18.54
N ALA A 490 23.73 -13.69 18.65
CA ALA A 490 23.11 -14.50 19.71
C ALA A 490 23.17 -16.01 19.54
N GLU A 491 23.14 -16.72 20.66
CA GLU A 491 23.12 -18.19 20.61
C GLU A 491 21.70 -18.47 20.14
N MET A 492 21.53 -19.42 19.23
CA MET A 492 20.20 -19.71 18.69
C MET A 492 19.63 -21.06 19.08
N GLY A 493 18.31 -21.08 19.24
CA GLY A 493 17.62 -22.32 19.54
C GLY A 493 16.65 -22.49 18.39
N GLU A 494 15.83 -23.54 18.42
CA GLU A 494 14.85 -23.75 17.37
C GLU A 494 13.49 -24.16 17.95
N LEU A 495 12.47 -23.41 17.55
CA LEU A 495 11.12 -23.68 18.00
C LEU A 495 10.53 -24.83 17.17
N PRO A 496 9.95 -25.85 17.82
CA PRO A 496 9.36 -27.01 17.14
C PRO A 496 8.11 -26.62 16.32
N ILE A 497 7.67 -27.53 15.46
CA ILE A 497 6.49 -27.35 14.60
C ILE A 497 6.73 -26.32 13.49
N PHE A 498 7.05 -25.10 13.87
CA PHE A 498 7.33 -24.06 12.88
C PHE A 498 8.79 -24.10 12.45
N ASN A 499 9.62 -24.75 13.27
CA ASN A 499 11.05 -24.87 13.00
C ASN A 499 11.68 -23.50 12.76
N LEU A 500 11.41 -22.59 13.69
CA LEU A 500 11.90 -21.22 13.62
C LEU A 500 13.14 -21.03 14.50
N ALA A 501 14.18 -20.40 13.94
CA ALA A 501 15.41 -20.15 14.70
C ALA A 501 15.15 -18.96 15.63
N ILE A 502 15.36 -19.14 16.93
CA ILE A 502 15.11 -18.04 17.86
C ILE A 502 16.32 -17.80 18.76
N PRO A 503 16.61 -16.52 19.09
CA PRO A 503 17.74 -16.18 19.96
C PRO A 503 17.42 -16.51 21.42
N LYS A 504 18.45 -16.95 22.17
CA LYS A 504 18.31 -17.30 23.58
C LYS A 504 18.31 -16.04 24.43
N ALA A 505 18.96 -15.00 23.94
CA ALA A 505 19.06 -13.75 24.65
C ALA A 505 19.35 -12.59 23.70
N LEU A 506 18.96 -11.39 24.09
CA LEU A 506 19.20 -10.20 23.28
C LEU A 506 19.38 -9.01 24.19
N PRO A 507 20.31 -8.10 23.86
CA PRO A 507 20.55 -6.91 24.67
C PRO A 507 19.23 -6.15 24.82
N GLY A 508 18.93 -5.67 26.02
CA GLY A 508 17.72 -4.91 26.25
C GLY A 508 16.39 -5.63 26.11
N VAL A 509 16.41 -6.96 26.04
CA VAL A 509 15.18 -7.74 25.91
C VAL A 509 15.10 -8.80 27.02
N ASP A 510 13.89 -9.01 27.55
CA ASP A 510 13.67 -10.02 28.59
C ASP A 510 13.88 -11.41 27.98
N PRO A 511 14.93 -12.12 28.42
CA PRO A 511 15.19 -13.45 27.87
C PRO A 511 14.08 -14.45 28.17
N ALA A 512 13.24 -14.13 29.16
CA ALA A 512 12.14 -15.01 29.54
C ALA A 512 10.97 -15.05 28.57
N ILE A 513 10.96 -14.16 27.57
CA ILE A 513 9.87 -14.15 26.60
C ILE A 513 10.29 -14.58 25.19
N LEU A 514 11.59 -14.76 24.99
CA LEU A 514 12.09 -15.13 23.67
C LEU A 514 11.59 -16.48 23.15
N ASP A 515 11.43 -17.46 24.03
CA ASP A 515 10.88 -18.74 23.58
C ASP A 515 9.41 -18.58 24.00
N PRO A 516 8.48 -18.64 23.04
CA PRO A 516 7.06 -18.48 23.35
C PRO A 516 6.49 -19.48 24.35
N ARG A 517 7.16 -20.61 24.49
CA ARG A 517 6.70 -21.64 25.41
C ARG A 517 6.89 -21.22 26.87
N ASP A 518 7.90 -20.40 27.12
CA ASP A 518 8.18 -20.00 28.49
C ASP A 518 7.13 -19.12 29.14
N THR A 519 6.25 -18.51 28.37
CA THR A 519 5.23 -17.66 28.96
C THR A 519 3.95 -18.45 29.34
N TYR A 520 3.97 -19.76 29.13
CA TYR A 520 2.83 -20.61 29.50
C TYR A 520 3.18 -21.36 30.77
N ALA A 521 2.17 -21.71 31.56
CA ALA A 521 2.41 -22.47 32.79
C ALA A 521 3.02 -23.79 32.39
N ASP A 522 2.43 -24.41 31.38
CA ASP A 522 2.90 -25.69 30.86
C ASP A 522 3.14 -25.56 29.36
N LYS A 523 4.22 -26.17 28.86
CA LYS A 523 4.49 -26.08 27.44
C LYS A 523 3.40 -26.81 26.63
N ALA A 524 2.68 -27.71 27.29
CA ALA A 524 1.60 -28.42 26.59
C ALA A 524 0.54 -27.44 26.12
N GLN A 525 0.38 -26.34 26.85
CA GLN A 525 -0.61 -25.34 26.48
C GLN A 525 -0.17 -24.71 25.16
N TRP A 526 1.12 -24.41 25.06
CA TRP A 526 1.65 -23.81 23.84
C TRP A 526 1.46 -24.80 22.71
N GLN A 527 1.84 -26.06 22.97
CA GLN A 527 1.74 -27.13 21.99
C GLN A 527 0.35 -27.22 21.35
N VAL A 528 -0.71 -27.13 22.16
CA VAL A 528 -2.06 -27.21 21.60
C VAL A 528 -2.38 -26.01 20.70
N LYS A 529 -2.05 -24.83 21.16
CA LYS A 529 -2.32 -23.63 20.39
C LYS A 529 -1.45 -23.60 19.12
N ALA A 530 -0.25 -24.15 19.20
CA ALA A 530 0.66 -24.18 18.05
C ALA A 530 0.12 -25.10 16.96
N GLU A 531 -0.44 -26.24 17.35
CA GLU A 531 -0.98 -27.16 16.37
C GLU A 531 -2.16 -26.51 15.68
N ASP A 532 -2.90 -25.71 16.43
CA ASP A 532 -4.04 -24.99 15.88
C ASP A 532 -3.57 -23.95 14.83
N LEU A 533 -2.64 -23.11 15.23
CA LEU A 533 -2.14 -22.07 14.30
C LEU A 533 -1.47 -22.71 13.08
N ALA A 534 -0.71 -23.77 13.31
CA ALA A 534 -0.03 -24.47 12.21
C ALA A 534 -1.07 -24.93 11.19
N ASN A 535 -2.18 -25.47 11.70
CA ASN A 535 -3.26 -25.93 10.84
C ASN A 535 -3.83 -24.77 10.01
N ARG A 536 -4.01 -23.61 10.62
CA ARG A 536 -4.56 -22.48 9.89
C ARG A 536 -3.61 -22.02 8.79
N PHE A 537 -2.32 -22.04 9.06
CA PHE A 537 -1.33 -21.66 8.05
C PHE A 537 -1.36 -22.67 6.90
N VAL A 538 -1.40 -23.96 7.23
CA VAL A 538 -1.43 -24.98 6.18
C VAL A 538 -2.69 -24.93 5.33
N LYS A 539 -3.84 -24.74 5.96
CA LYS A 539 -5.10 -24.65 5.23
C LYS A 539 -5.13 -23.42 4.35
N ASN A 540 -4.56 -22.32 4.84
CA ASN A 540 -4.50 -21.09 4.05
C ASN A 540 -3.59 -21.25 2.85
N PHE A 541 -2.51 -22.00 3.04
CA PHE A 541 -1.52 -22.16 1.98
C PHE A 541 -1.88 -23.15 0.89
N VAL A 542 -2.83 -24.04 1.16
CA VAL A 542 -3.19 -25.06 0.15
C VAL A 542 -3.50 -24.49 -1.22
N LYS A 543 -4.19 -23.35 -1.26
CA LYS A 543 -4.50 -22.78 -2.56
C LYS A 543 -3.26 -22.45 -3.38
N TYR A 544 -2.14 -22.18 -2.73
CA TYR A 544 -0.94 -21.86 -3.51
C TYR A 544 -0.29 -23.12 -4.08
N THR A 545 -0.67 -24.31 -3.62
CA THR A 545 -0.07 -25.52 -4.16
C THR A 545 -0.62 -25.82 -5.56
N ALA A 546 -1.62 -25.03 -5.99
CA ALA A 546 -2.17 -25.14 -7.33
C ALA A 546 -1.22 -24.40 -8.30
N ASN A 547 -0.27 -23.67 -7.75
CA ASN A 547 0.72 -22.98 -8.61
C ASN A 547 1.93 -23.92 -8.59
N PRO A 548 2.44 -24.35 -9.76
CA PRO A 548 3.58 -25.27 -9.80
C PRO A 548 4.81 -24.91 -8.99
N GLU A 549 5.26 -23.68 -9.15
CA GLU A 549 6.44 -23.23 -8.44
C GLU A 549 6.27 -23.13 -6.92
N ALA A 550 5.14 -22.60 -6.47
CA ALA A 550 4.91 -22.44 -5.04
C ALA A 550 4.65 -23.73 -4.27
N ALA A 551 4.19 -24.77 -4.98
CA ALA A 551 3.83 -26.01 -4.29
C ALA A 551 4.88 -26.57 -3.32
N LYS A 552 6.14 -26.54 -3.73
CA LYS A 552 7.20 -27.08 -2.88
C LYS A 552 7.43 -26.30 -1.59
N LEU A 553 6.92 -25.08 -1.52
CA LEU A 553 7.12 -24.27 -0.31
C LEU A 553 6.42 -24.81 0.95
N VAL A 554 5.47 -25.73 0.79
CA VAL A 554 4.83 -26.25 2.00
C VAL A 554 5.89 -26.89 2.91
N GLY A 555 7.01 -27.29 2.31
CA GLY A 555 8.09 -27.90 3.08
C GLY A 555 8.74 -26.96 4.08
N ALA A 556 8.62 -25.66 3.84
CA ALA A 556 9.20 -24.66 4.74
C ALA A 556 8.19 -24.11 5.76
N GLY A 557 6.91 -24.43 5.55
CA GLY A 557 5.87 -23.98 6.46
C GLY A 557 5.77 -24.87 7.71
N PRO A 558 4.84 -24.58 8.62
CA PRO A 558 4.67 -25.38 9.86
C PRO A 558 4.48 -26.89 9.64
N LYS A 559 5.08 -27.65 10.57
CA LYS A 559 5.26 -29.10 10.68
C LYS A 559 5.67 -29.79 9.40
S SO4 B . -0.07 -0.60 12.27
O1 SO4 B . 0.52 -1.81 11.64
O2 SO4 B . 0.65 0.61 11.81
O3 SO4 B . -1.49 -0.50 11.87
O4 SO4 B . 0.07 -0.72 13.72
S SO4 C . 9.04 17.83 -3.75
O1 SO4 C . 9.68 17.38 -5.01
O2 SO4 C . 9.99 18.85 -3.15
O3 SO4 C . 7.75 18.54 -4.09
O4 SO4 C . 8.86 16.66 -2.88
NA NA D . -3.13 23.41 -1.43
#